data_5M10
#
_entry.id   5M10
#
_cell.length_a   68.840
_cell.length_b   113.630
_cell.length_c   155.480
_cell.angle_alpha   90.00
_cell.angle_beta   90.00
_cell.angle_gamma   90.00
#
_symmetry.space_group_name_H-M   'C 2 2 21'
#
loop_
_entity.id
_entity.type
_entity.pdbx_description
1 polymer 'Cyclohexanone Monooxygenase from Thermocrispum municipale'
2 non-polymer 'FLAVIN-ADENINE DINUCLEOTIDE'
3 non-polymer 'NADP NICOTINAMIDE-ADENINE-DINUCLEOTIDE PHOSPHATE'
4 non-polymer NICOTINAMIDE
5 non-polymer 2-AMINO-2-HYDROXYMETHYL-PROPANE-1,3-DIOL
6 non-polymer GLYCEROL
7 water water
#
_entity_poly.entity_id   1
_entity_poly.type   'polypeptide(L)'
_entity_poly.pdbx_seq_one_letter_code
;MSTTQTPDLDAIVIGAGFGGIYMLHKLRNDLGLSVRVFEKGGGVGGTWYWNKYPGAKSDTEGFVYRYSFDKELLREYDWT
TRYLDQPDVLAYLEHVVERYDLARDIQLNTEVTDAIFDEETELWRVTTAGGETLTARFLVTALGLLSRSNIPDIPGRDSF
AGRLVHTNAWPEDLDITGKRVGVIGTGSTGTQFIVAAAKMAEQLTVFQRTPQYCVPSGNGPMDPDEVARIKQNFDSIWDQ
VRSSTVAFGFEESTVEAMSVSESERQRVFQQAWDKGNGFRFMFGTFCDIATNPEANAAAAAFIRSKIAEIVKDPETARKL
TPTDLYAKRPLCNEGYYETYNRDNVSLVSLKETPIEEIVPQGVRTSDGVVHELDVLVFATGFDAVDGNYRAMNLRGRDGR
HINEHWTEGPTSYLGVTKAGFPNMFMILGPNGPFTNLPPSIEAQVEWISDLIDKATREGLTTVEPTADAEREWTETCAEI
ANMTLFPKADSWIFGANIPGKRHAVMFYLGGLGNYRRQLADVADGGYRGFQLRGERAQAVA
;
_entity_poly.pdbx_strand_id   A
#
# COMPACT_ATOMS: atom_id res chain seq x y z
N THR A 6 -27.26 25.19 -1.34
CA THR A 6 -27.35 24.11 -0.29
C THR A 6 -27.03 22.72 -0.89
N PRO A 7 -25.97 22.03 -0.39
CA PRO A 7 -25.59 20.78 -1.04
C PRO A 7 -26.50 19.62 -0.67
N ASP A 8 -26.50 18.57 -1.52
CA ASP A 8 -27.27 17.37 -1.23
C ASP A 8 -26.79 16.73 0.12
N LEU A 9 -25.46 16.72 0.29
CA LEU A 9 -24.81 16.11 1.45
C LEU A 9 -23.76 17.08 1.99
N ASP A 10 -23.43 16.96 3.30
CA ASP A 10 -22.28 17.67 3.82
C ASP A 10 -20.99 17.16 3.15
N ALA A 11 -20.89 15.82 3.06
CA ALA A 11 -19.64 15.28 2.58
C ALA A 11 -19.91 13.99 1.72
N ILE A 12 -19.05 13.82 0.75
CA ILE A 12 -18.97 12.57 0.00
C ILE A 12 -17.56 12.01 0.22
N VAL A 13 -17.59 10.70 0.43
CA VAL A 13 -16.33 9.93 0.60
C VAL A 13 -16.24 8.95 -0.58
N ILE A 14 -15.11 8.80 -1.21
CA ILE A 14 -14.95 7.80 -2.30
C ILE A 14 -14.00 6.74 -1.78
N GLY A 15 -14.43 5.51 -1.82
CA GLY A 15 -13.67 4.34 -1.38
C GLY A 15 -14.13 3.81 -0.04
N ALA A 16 -14.20 2.48 0.05
CA ALA A 16 -14.62 1.82 1.27
C ALA A 16 -13.59 0.78 1.80
N GLY A 17 -12.30 1.17 1.65
CA GLY A 17 -11.28 0.43 2.38
C GLY A 17 -11.14 0.99 3.78
N PHE A 18 -9.97 0.63 4.44
CA PHE A 18 -9.65 1.22 5.74
C PHE A 18 -9.92 2.73 5.80
N GLY A 19 -9.50 3.41 4.72
CA GLY A 19 -9.61 4.83 4.74
C GLY A 19 -11.03 5.38 4.77
N GLY A 20 -11.83 4.99 3.71
CA GLY A 20 -13.20 5.52 3.65
C GLY A 20 -14.09 5.07 4.76
N ILE A 21 -13.89 3.82 5.23
CA ILE A 21 -14.66 3.33 6.32
C ILE A 21 -14.57 4.25 7.58
N TYR A 22 -13.29 4.53 7.96
CA TYR A 22 -13.04 5.38 9.12
C TYR A 22 -13.53 6.84 8.88
N MET A 23 -13.25 7.31 7.64
CA MET A 23 -13.70 8.66 7.37
C MET A 23 -15.23 8.82 7.58
N LEU A 24 -15.99 7.86 7.06
CA LEU A 24 -17.43 7.90 7.17
C LEU A 24 -17.87 7.89 8.64
N HIS A 25 -17.23 6.97 9.41
CA HIS A 25 -17.49 6.96 10.82
C HIS A 25 -17.29 8.30 11.53
N LYS A 26 -16.11 8.89 11.24
CA LYS A 26 -15.85 10.17 11.89
C LYS A 26 -16.90 11.25 11.52
N LEU A 27 -17.10 11.38 10.18
CA LEU A 27 -17.96 12.51 9.73
C LEU A 27 -19.41 12.31 10.14
N ARG A 28 -19.89 11.07 10.01
CA ARG A 28 -21.29 10.82 10.28
C ARG A 28 -21.58 10.59 11.77
N ASN A 29 -20.86 9.60 12.37
CA ASN A 29 -21.16 9.29 13.74
C ASN A 29 -20.57 10.29 14.74
N ASP A 30 -19.37 10.76 14.51
CA ASP A 30 -18.81 11.67 15.51
C ASP A 30 -19.20 13.13 15.25
N LEU A 31 -19.22 13.59 13.96
CA LEU A 31 -19.59 15.01 13.72
C LEU A 31 -21.06 15.24 13.45
N GLY A 32 -21.80 14.15 13.16
CA GLY A 32 -23.25 14.34 12.88
C GLY A 32 -23.58 14.88 11.51
N LEU A 33 -22.61 14.86 10.63
CA LEU A 33 -22.83 15.36 9.24
C LEU A 33 -23.57 14.34 8.40
N SER A 34 -24.19 14.80 7.27
CA SER A 34 -24.77 13.90 6.28
C SER A 34 -23.67 13.52 5.28
N VAL A 35 -23.53 12.22 5.08
CA VAL A 35 -22.41 11.64 4.39
C VAL A 35 -22.87 10.43 3.56
N ARG A 36 -22.22 10.24 2.46
CA ARG A 36 -22.32 8.97 1.69
C ARG A 36 -20.93 8.60 1.16
N VAL A 37 -20.67 7.29 1.19
CA VAL A 37 -19.52 6.71 0.55
C VAL A 37 -19.97 6.06 -0.79
N PHE A 38 -19.13 6.27 -1.79
CA PHE A 38 -19.28 5.54 -3.05
C PHE A 38 -18.10 4.59 -3.19
N GLU A 39 -18.37 3.35 -3.46
CA GLU A 39 -17.32 2.37 -3.65
C GLU A 39 -17.66 1.57 -4.95
N LYS A 40 -16.71 1.45 -5.80
CA LYS A 40 -16.91 0.74 -7.09
C LYS A 40 -17.11 -0.75 -6.92
N GLY A 41 -16.48 -1.39 -5.88
CA GLY A 41 -16.63 -2.77 -5.63
C GLY A 41 -18.04 -3.17 -5.19
N GLY A 42 -18.26 -4.44 -5.30
CA GLY A 42 -19.50 -5.04 -4.81
C GLY A 42 -19.62 -5.35 -3.31
N GLY A 43 -18.49 -5.03 -2.60
CA GLY A 43 -18.35 -5.15 -1.16
C GLY A 43 -17.34 -4.12 -0.64
N VAL A 44 -17.47 -3.89 0.65
CA VAL A 44 -16.45 -3.11 1.37
C VAL A 44 -15.18 -3.92 1.57
N GLY A 45 -14.10 -3.14 1.87
CA GLY A 45 -12.82 -3.72 2.24
C GLY A 45 -11.65 -3.26 1.49
N GLY A 46 -11.81 -2.61 0.33
CA GLY A 46 -10.71 -2.15 -0.43
C GLY A 46 -9.81 -3.22 -0.89
N THR A 47 -8.51 -3.01 -0.60
CA THR A 47 -7.50 -4.03 -0.94
C THR A 47 -8.02 -5.47 -0.54
N TRP A 48 -8.65 -5.57 0.63
CA TRP A 48 -8.96 -6.83 1.18
C TRP A 48 -10.28 -7.44 0.67
N TYR A 49 -11.01 -6.60 -0.12
CA TYR A 49 -12.13 -7.12 -0.99
C TYR A 49 -11.53 -7.63 -2.26
N TRP A 50 -10.69 -6.87 -2.91
CA TRP A 50 -10.24 -7.18 -4.30
C TRP A 50 -9.31 -8.31 -4.39
N ASN A 51 -8.33 -8.40 -3.41
CA ASN A 51 -7.14 -9.30 -3.55
C ASN A 51 -7.45 -10.62 -3.03
N LYS A 52 -8.28 -11.40 -3.75
CA LYS A 52 -8.76 -12.69 -3.31
C LYS A 52 -7.86 -13.90 -3.71
N TYR A 53 -6.63 -13.57 -4.16
CA TYR A 53 -5.81 -14.64 -4.65
C TYR A 53 -5.22 -15.52 -3.52
N PRO A 54 -4.90 -16.76 -3.85
CA PRO A 54 -4.26 -17.65 -2.83
C PRO A 54 -2.92 -17.06 -2.38
N GLY A 55 -2.76 -17.03 -1.03
CA GLY A 55 -1.55 -16.42 -0.43
C GLY A 55 -1.71 -15.02 -0.04
N ALA A 56 -2.80 -14.31 -0.42
CA ALA A 56 -2.86 -12.92 -0.15
C ALA A 56 -2.96 -12.72 1.36
N LYS A 57 -2.03 -11.79 1.82
CA LYS A 57 -2.01 -11.49 3.24
C LYS A 57 -1.28 -10.16 3.40
N SER A 58 -1.47 -9.59 4.61
N SER A 58 -1.42 -9.59 4.59
CA SER A 58 -0.70 -8.44 5.06
CA SER A 58 -0.63 -8.45 4.98
C SER A 58 0.63 -8.85 5.76
C SER A 58 0.64 -8.85 5.74
N ASP A 59 1.66 -8.11 5.46
CA ASP A 59 2.97 -8.25 6.18
C ASP A 59 3.00 -7.37 7.40
N THR A 60 2.10 -6.51 7.73
CA THR A 60 2.09 -5.91 9.02
C THR A 60 1.64 -7.00 9.97
N GLU A 61 2.34 -7.29 11.03
CA GLU A 61 1.81 -8.37 11.88
C GLU A 61 0.48 -8.02 12.48
N GLY A 62 -0.30 -9.07 12.60
CA GLY A 62 -1.69 -8.86 12.88
C GLY A 62 -2.04 -7.97 13.97
N PHE A 63 -1.22 -8.03 15.08
CA PHE A 63 -1.57 -7.24 16.21
C PHE A 63 -1.75 -5.74 15.93
N VAL A 64 -1.00 -5.20 14.98
CA VAL A 64 -1.14 -3.81 14.62
C VAL A 64 -1.69 -3.57 13.19
N TYR A 65 -2.23 -4.58 12.58
CA TYR A 65 -2.89 -4.33 11.22
C TYR A 65 -4.38 -4.24 11.49
N ARG A 66 -4.75 -3.14 12.07
CA ARG A 66 -6.09 -2.91 12.60
C ARG A 66 -6.21 -1.47 13.05
N TYR A 67 -7.42 -0.99 13.23
CA TYR A 67 -7.64 0.29 13.85
C TYR A 67 -7.18 0.28 15.38
N SER A 68 -6.92 1.49 15.85
CA SER A 68 -6.54 1.66 17.25
C SER A 68 -7.47 2.56 18.00
N PHE A 69 -8.45 3.19 17.27
CA PHE A 69 -9.15 4.34 17.86
C PHE A 69 -10.21 3.97 18.89
N ASP A 70 -10.64 2.70 18.89
CA ASP A 70 -11.69 2.21 19.75
C ASP A 70 -11.14 1.09 20.65
N LYS A 71 -10.97 1.45 21.98
CA LYS A 71 -10.40 0.51 22.91
C LYS A 71 -11.19 -0.75 23.09
N GLU A 72 -12.53 -0.64 23.02
CA GLU A 72 -13.36 -1.84 23.21
C GLU A 72 -13.16 -2.80 22.03
N LEU A 73 -13.05 -2.27 20.81
CA LEU A 73 -12.76 -3.16 19.74
C LEU A 73 -11.40 -3.83 19.79
N LEU A 74 -10.44 -3.11 20.34
CA LEU A 74 -9.13 -3.71 20.55
C LEU A 74 -9.18 -4.83 21.61
N ARG A 75 -10.00 -4.63 22.65
CA ARG A 75 -10.19 -5.67 23.63
C ARG A 75 -10.92 -6.93 23.13
N GLU A 76 -11.94 -6.65 22.24
CA GLU A 76 -12.82 -7.77 21.95
C GLU A 76 -12.41 -8.60 20.71
N TYR A 77 -11.77 -7.99 19.74
CA TYR A 77 -11.62 -8.68 18.47
C TYR A 77 -10.38 -9.59 18.55
N ASP A 78 -10.53 -10.85 18.21
N ASP A 78 -10.53 -10.83 18.17
CA ASP A 78 -9.48 -11.84 18.31
CA ASP A 78 -9.46 -11.78 18.21
C ASP A 78 -8.79 -12.11 17.00
C ASP A 78 -8.72 -11.93 16.91
N TRP A 79 -7.46 -12.39 17.00
CA TRP A 79 -6.77 -12.91 15.89
C TRP A 79 -6.05 -14.20 16.39
N THR A 80 -5.72 -15.13 15.48
CA THR A 80 -5.19 -16.45 15.87
C THR A 80 -3.98 -16.85 15.09
N THR A 81 -3.49 -15.96 14.17
CA THR A 81 -2.33 -16.15 13.36
C THR A 81 -1.50 -14.93 13.39
N ARG A 82 -0.17 -15.11 13.31
CA ARG A 82 0.69 -13.92 13.46
C ARG A 82 0.42 -12.86 12.44
N TYR A 83 0.24 -13.32 11.17
CA TYR A 83 -0.16 -12.44 10.07
C TYR A 83 -1.59 -12.76 9.68
N LEU A 84 -2.27 -11.76 9.14
CA LEU A 84 -3.69 -11.93 8.73
C LEU A 84 -3.80 -12.15 7.23
N ASP A 85 -4.42 -13.29 6.89
CA ASP A 85 -4.75 -13.53 5.48
C ASP A 85 -5.87 -12.60 5.03
N GLN A 86 -5.96 -12.41 3.72
CA GLN A 86 -7.05 -11.56 3.17
C GLN A 86 -8.44 -11.77 3.74
N PRO A 87 -8.96 -13.02 3.82
CA PRO A 87 -10.31 -13.26 4.33
C PRO A 87 -10.48 -12.68 5.74
N ASP A 88 -9.35 -12.78 6.54
CA ASP A 88 -9.42 -12.35 7.92
C ASP A 88 -9.44 -10.83 8.00
N VAL A 89 -8.65 -10.12 7.19
CA VAL A 89 -8.72 -8.67 7.17
C VAL A 89 -10.10 -8.19 6.70
N LEU A 90 -10.60 -8.89 5.67
CA LEU A 90 -11.92 -8.52 5.09
C LEU A 90 -13.02 -8.65 6.18
N ALA A 91 -12.95 -9.82 6.91
CA ALA A 91 -13.91 -10.02 7.96
C ALA A 91 -13.87 -8.97 9.05
N TYR A 92 -12.62 -8.47 9.40
CA TYR A 92 -12.52 -7.40 10.35
C TYR A 92 -13.18 -6.11 9.88
N LEU A 93 -12.86 -5.77 8.63
CA LEU A 93 -13.43 -4.50 8.11
C LEU A 93 -14.98 -4.62 8.00
N GLU A 94 -15.48 -5.80 7.61
CA GLU A 94 -16.93 -6.03 7.64
C GLU A 94 -17.54 -5.86 9.03
N HIS A 95 -16.76 -6.36 10.03
CA HIS A 95 -17.22 -6.18 11.35
C HIS A 95 -17.29 -4.74 11.84
N VAL A 96 -16.24 -4.00 11.43
CA VAL A 96 -16.21 -2.59 11.73
C VAL A 96 -17.48 -1.89 11.14
N VAL A 97 -17.72 -2.21 9.85
CA VAL A 97 -18.91 -1.59 9.17
C VAL A 97 -20.19 -1.94 9.94
N GLU A 98 -20.33 -3.19 10.39
CA GLU A 98 -21.49 -3.58 11.20
C GLU A 98 -21.57 -2.76 12.51
N ARG A 99 -20.43 -2.81 13.23
CA ARG A 99 -20.31 -2.27 14.56
C ARG A 99 -20.77 -0.81 14.66
N TYR A 100 -20.36 -0.05 13.64
CA TYR A 100 -20.63 1.37 13.65
C TYR A 100 -21.84 1.76 12.71
N ASP A 101 -22.59 0.72 12.30
CA ASP A 101 -23.84 0.94 11.48
C ASP A 101 -23.55 1.74 10.20
N LEU A 102 -22.47 1.41 9.50
CA LEU A 102 -22.02 2.13 8.35
C LEU A 102 -22.66 1.70 7.03
N ALA A 103 -23.04 0.45 6.95
CA ALA A 103 -23.40 -0.05 5.63
C ALA A 103 -24.58 0.72 4.96
N ARG A 104 -25.44 1.28 5.79
CA ARG A 104 -26.60 2.05 5.23
C ARG A 104 -26.15 3.25 4.45
N ASP A 105 -24.95 3.76 4.63
CA ASP A 105 -24.40 4.94 3.96
C ASP A 105 -23.24 4.64 3.03
N ILE A 106 -23.07 3.36 2.67
CA ILE A 106 -22.05 2.98 1.73
C ILE A 106 -22.75 2.39 0.48
N GLN A 107 -22.65 3.12 -0.58
CA GLN A 107 -23.28 2.69 -1.88
C GLN A 107 -22.26 2.01 -2.75
N LEU A 108 -22.50 0.72 -2.87
CA LEU A 108 -21.60 -0.22 -3.55
C LEU A 108 -21.85 -0.22 -5.07
N ASN A 109 -20.99 -0.87 -5.80
CA ASN A 109 -21.03 -0.93 -7.27
C ASN A 109 -21.00 0.44 -7.88
N THR A 110 -20.57 1.47 -7.22
CA THR A 110 -20.66 2.83 -7.71
C THR A 110 -19.33 3.44 -7.96
N GLU A 111 -18.84 3.52 -9.15
CA GLU A 111 -17.66 4.21 -9.60
C GLU A 111 -17.91 5.62 -9.71
N VAL A 112 -17.16 6.55 -9.10
CA VAL A 112 -17.17 7.98 -9.38
C VAL A 112 -16.27 8.29 -10.51
N THR A 113 -16.90 8.83 -11.63
CA THR A 113 -16.18 9.13 -12.83
C THR A 113 -15.76 10.58 -12.94
N ASP A 114 -16.47 11.47 -12.24
CA ASP A 114 -16.15 12.93 -12.30
C ASP A 114 -16.43 13.48 -10.90
N ALA A 115 -15.54 14.45 -10.58
CA ALA A 115 -15.65 15.26 -9.37
C ALA A 115 -15.18 16.62 -9.69
N ILE A 116 -16.13 17.60 -9.62
CA ILE A 116 -15.94 18.91 -10.22
C ILE A 116 -16.30 20.00 -9.23
N PHE A 117 -15.33 20.93 -8.98
CA PHE A 117 -15.63 22.03 -8.06
C PHE A 117 -16.33 23.17 -8.83
N ASP A 118 -17.39 23.64 -8.20
CA ASP A 118 -18.06 24.85 -8.71
C ASP A 118 -17.63 26.05 -7.86
N GLU A 119 -16.93 27.01 -8.47
CA GLU A 119 -16.42 28.16 -7.72
C GLU A 119 -17.46 29.19 -7.34
N GLU A 120 -18.59 29.14 -8.03
N GLU A 120 -18.63 29.15 -7.97
CA GLU A 120 -19.71 29.98 -7.79
CA GLU A 120 -19.68 30.06 -7.62
C GLU A 120 -20.46 29.56 -6.49
C GLU A 120 -20.55 29.58 -6.45
N THR A 121 -20.89 28.29 -6.42
CA THR A 121 -21.58 27.76 -5.31
C THR A 121 -20.61 27.24 -4.21
N GLU A 122 -19.36 27.06 -4.54
CA GLU A 122 -18.37 26.51 -3.63
C GLU A 122 -18.79 25.15 -3.14
N LEU A 123 -19.29 24.31 -4.06
CA LEU A 123 -19.64 22.94 -3.83
C LEU A 123 -19.02 22.01 -4.83
N TRP A 124 -18.79 20.73 -4.38
CA TRP A 124 -18.38 19.72 -5.28
C TRP A 124 -19.58 18.99 -5.88
N ARG A 125 -19.46 18.65 -7.19
CA ARG A 125 -20.42 17.83 -7.87
CA ARG A 125 -20.47 17.76 -7.76
C ARG A 125 -19.73 16.50 -8.27
N VAL A 126 -20.33 15.42 -7.80
CA VAL A 126 -19.84 14.09 -8.13
C VAL A 126 -20.80 13.45 -9.17
N THR A 127 -20.20 12.73 -10.11
CA THR A 127 -20.96 12.00 -11.11
C THR A 127 -20.57 10.52 -10.99
N THR A 128 -21.55 9.60 -11.03
CA THR A 128 -21.40 8.23 -11.03
C THR A 128 -21.31 7.61 -12.42
N ALA A 129 -20.73 6.45 -12.56
CA ALA A 129 -20.73 5.71 -13.80
C ALA A 129 -22.16 5.37 -14.21
N GLY A 130 -23.03 5.18 -13.29
CA GLY A 130 -24.45 4.88 -13.56
C GLY A 130 -25.23 6.15 -13.89
N GLY A 131 -24.64 7.29 -14.02
CA GLY A 131 -25.35 8.48 -14.55
C GLY A 131 -26.10 9.24 -13.54
N GLU A 132 -25.71 9.28 -12.28
CA GLU A 132 -26.30 10.16 -11.32
C GLU A 132 -25.31 11.20 -10.85
N THR A 133 -25.81 12.32 -10.39
CA THR A 133 -25.00 13.38 -9.86
C THR A 133 -25.52 13.85 -8.57
N LEU A 134 -24.63 14.41 -7.71
CA LEU A 134 -25.05 15.05 -6.53
C LEU A 134 -23.91 15.86 -5.91
N THR A 135 -24.34 16.73 -5.03
CA THR A 135 -23.40 17.75 -4.53
C THR A 135 -23.07 17.54 -3.07
N ALA A 136 -21.89 18.01 -2.70
CA ALA A 136 -21.43 18.02 -1.24
C ALA A 136 -20.55 19.20 -1.04
N ARG A 137 -20.50 19.68 0.22
CA ARG A 137 -19.49 20.74 0.52
C ARG A 137 -18.08 20.19 0.57
N PHE A 138 -17.91 18.99 1.18
CA PHE A 138 -16.60 18.42 1.32
C PHE A 138 -16.49 17.10 0.59
N LEU A 139 -15.34 16.89 -0.05
CA LEU A 139 -15.02 15.71 -0.83
C LEU A 139 -13.81 15.01 -0.16
N VAL A 140 -13.95 13.75 0.19
CA VAL A 140 -12.75 13.00 0.69
C VAL A 140 -12.54 11.82 -0.27
N THR A 141 -11.34 11.77 -0.83
CA THR A 141 -10.98 10.77 -1.78
C THR A 141 -10.07 9.76 -1.03
N ALA A 142 -10.53 8.57 -0.80
CA ALA A 142 -9.77 7.48 -0.20
C ALA A 142 -9.63 6.33 -1.25
N LEU A 143 -8.89 6.71 -2.28
CA LEU A 143 -8.92 5.90 -3.51
C LEU A 143 -7.90 4.83 -3.57
N GLY A 144 -7.00 4.77 -2.56
CA GLY A 144 -6.02 3.70 -2.46
C GLY A 144 -4.74 4.02 -3.22
N LEU A 145 -3.60 3.92 -2.45
CA LEU A 145 -2.30 3.98 -3.03
C LEU A 145 -1.93 2.78 -3.94
N LEU A 146 -2.53 1.64 -3.61
CA LEU A 146 -2.26 0.35 -4.28
C LEU A 146 -3.57 -0.30 -4.66
N SER A 147 -4.29 0.39 -5.59
N SER A 147 -4.28 0.43 -5.58
CA SER A 147 -5.62 -0.06 -5.99
CA SER A 147 -5.65 0.12 -5.96
C SER A 147 -5.83 -0.11 -7.51
C SER A 147 -5.86 -0.06 -7.47
N ARG A 148 -5.21 0.78 -8.30
CA ARG A 148 -5.45 0.76 -9.72
C ARG A 148 -4.54 -0.28 -10.33
N SER A 149 -5.06 -1.38 -10.86
CA SER A 149 -4.31 -2.43 -11.41
C SER A 149 -3.42 -1.97 -12.58
N ASN A 150 -2.22 -2.44 -12.69
CA ASN A 150 -1.33 -2.28 -13.87
C ASN A 150 -1.29 -3.61 -14.59
N ILE A 151 -1.82 -3.61 -15.84
CA ILE A 151 -1.90 -4.83 -16.67
C ILE A 151 -1.08 -4.46 -17.88
N PRO A 152 0.17 -4.89 -18.02
CA PRO A 152 0.96 -4.46 -19.17
C PRO A 152 0.45 -4.94 -20.50
N ASP A 153 0.77 -4.16 -21.53
CA ASP A 153 0.48 -4.49 -22.96
C ASP A 153 1.44 -5.43 -23.51
N ILE A 154 1.38 -6.64 -23.13
CA ILE A 154 2.28 -7.64 -23.67
C ILE A 154 1.68 -8.13 -24.99
N PRO A 155 2.51 -8.32 -26.01
CA PRO A 155 1.91 -8.68 -27.32
C PRO A 155 1.17 -10.01 -27.26
N GLY A 156 -0.02 -10.04 -27.86
CA GLY A 156 -0.90 -11.18 -27.91
C GLY A 156 -1.68 -11.45 -26.62
N ARG A 157 -1.59 -10.58 -25.62
CA ARG A 157 -2.29 -10.84 -24.36
C ARG A 157 -3.75 -11.22 -24.50
N ASP A 158 -4.44 -10.53 -25.43
CA ASP A 158 -5.88 -10.74 -25.63
C ASP A 158 -6.23 -12.08 -26.36
N SER A 159 -5.21 -12.78 -26.86
CA SER A 159 -5.38 -14.07 -27.55
C SER A 159 -5.51 -15.24 -26.57
N PHE A 160 -4.97 -15.03 -25.36
CA PHE A 160 -4.99 -16.16 -24.45
C PHE A 160 -6.41 -16.64 -24.21
N ALA A 161 -6.58 -17.99 -24.27
CA ALA A 161 -7.88 -18.66 -24.26
C ALA A 161 -8.38 -19.17 -22.93
N GLY A 162 -7.46 -19.16 -21.93
CA GLY A 162 -7.71 -19.62 -20.59
C GLY A 162 -8.14 -18.55 -19.63
N ARG A 163 -7.92 -18.72 -18.36
CA ARG A 163 -8.33 -17.71 -17.40
C ARG A 163 -7.17 -16.75 -17.23
N LEU A 164 -7.31 -15.48 -17.60
CA LEU A 164 -6.26 -14.47 -17.48
C LEU A 164 -6.73 -13.47 -16.49
N VAL A 165 -6.00 -13.36 -15.36
CA VAL A 165 -6.41 -12.52 -14.30
C VAL A 165 -5.31 -11.68 -13.73
N HIS A 166 -5.55 -10.47 -13.27
CA HIS A 166 -4.60 -9.71 -12.39
C HIS A 166 -5.03 -10.09 -11.01
N THR A 167 -3.98 -10.12 -10.11
CA THR A 167 -4.21 -10.49 -8.71
C THR A 167 -5.19 -9.62 -7.95
N ASN A 168 -5.20 -8.30 -8.34
CA ASN A 168 -6.11 -7.32 -7.77
C ASN A 168 -7.53 -7.41 -8.33
N ALA A 169 -7.74 -8.41 -9.19
CA ALA A 169 -9.05 -8.72 -9.76
C ALA A 169 -9.26 -10.21 -9.71
N TRP A 170 -8.63 -10.90 -8.71
CA TRP A 170 -8.71 -12.32 -8.67
C TRP A 170 -10.18 -12.79 -8.46
N PRO A 171 -10.64 -13.75 -9.30
CA PRO A 171 -12.09 -14.14 -9.16
C PRO A 171 -12.29 -15.17 -8.08
N GLU A 172 -13.31 -14.97 -7.25
CA GLU A 172 -13.56 -15.83 -6.14
C GLU A 172 -13.74 -17.27 -6.52
N ASP A 173 -14.32 -17.47 -7.72
CA ASP A 173 -14.66 -18.85 -8.19
C ASP A 173 -13.38 -19.64 -8.58
N LEU A 174 -12.26 -18.99 -8.86
CA LEU A 174 -11.14 -19.63 -9.59
C LEU A 174 -10.37 -20.57 -8.64
N ASP A 175 -10.32 -21.86 -8.95
CA ASP A 175 -9.59 -22.80 -8.17
C ASP A 175 -8.49 -23.31 -9.07
N ILE A 176 -7.23 -23.04 -8.71
CA ILE A 176 -6.10 -23.42 -9.53
C ILE A 176 -5.57 -24.86 -9.23
N THR A 177 -6.27 -25.54 -8.32
CA THR A 177 -5.84 -26.86 -7.98
C THR A 177 -5.73 -27.76 -9.24
N GLY A 178 -4.64 -28.44 -9.43
CA GLY A 178 -4.43 -29.32 -10.56
C GLY A 178 -4.31 -28.72 -11.96
N LYS A 179 -4.19 -27.42 -11.98
CA LYS A 179 -4.04 -26.74 -13.23
C LYS A 179 -2.65 -26.37 -13.61
N ARG A 180 -2.30 -26.00 -14.83
CA ARG A 180 -1.05 -25.44 -15.28
C ARG A 180 -1.17 -23.93 -15.20
N VAL A 181 -0.35 -23.33 -14.31
CA VAL A 181 -0.47 -21.95 -13.98
C VAL A 181 0.80 -21.25 -14.34
N GLY A 182 0.71 -20.04 -14.86
CA GLY A 182 1.82 -19.14 -15.07
C GLY A 182 1.58 -17.86 -14.33
N VAL A 183 2.67 -17.23 -13.81
CA VAL A 183 2.57 -15.99 -13.17
C VAL A 183 3.63 -15.07 -13.66
N ILE A 184 3.24 -13.83 -13.99
CA ILE A 184 4.16 -12.81 -14.35
C ILE A 184 4.25 -11.79 -13.22
N GLY A 185 5.46 -11.73 -12.61
CA GLY A 185 5.70 -10.76 -11.54
C GLY A 185 6.11 -11.48 -10.25
N THR A 186 7.14 -10.85 -9.62
CA THR A 186 7.79 -11.45 -8.43
C THR A 186 8.02 -10.40 -7.39
N GLY A 187 7.11 -9.42 -7.25
CA GLY A 187 7.06 -8.54 -6.10
C GLY A 187 6.39 -9.19 -4.91
N SER A 188 5.95 -8.39 -3.97
N SER A 188 5.93 -8.39 -3.95
CA SER A 188 5.31 -8.93 -2.78
CA SER A 188 5.30 -8.98 -2.77
C SER A 188 4.11 -9.81 -3.15
C SER A 188 4.11 -9.84 -3.16
N THR A 189 3.32 -9.36 -4.16
CA THR A 189 2.13 -10.15 -4.57
C THR A 189 2.58 -11.46 -5.20
N GLY A 190 3.41 -11.36 -6.23
CA GLY A 190 3.70 -12.57 -6.95
C GLY A 190 4.39 -13.62 -6.05
N THR A 191 5.28 -13.17 -5.16
CA THR A 191 6.03 -14.15 -4.32
C THR A 191 5.11 -14.85 -3.35
N GLN A 192 4.15 -14.16 -2.68
CA GLN A 192 3.26 -14.84 -1.74
C GLN A 192 2.29 -15.73 -2.48
N PHE A 193 1.87 -15.29 -3.71
CA PHE A 193 1.04 -16.16 -4.58
C PHE A 193 1.78 -17.44 -4.97
N ILE A 194 3.06 -17.28 -5.33
CA ILE A 194 3.90 -18.41 -5.72
C ILE A 194 3.95 -19.49 -4.64
N VAL A 195 4.22 -19.01 -3.42
CA VAL A 195 4.28 -19.98 -2.31
C VAL A 195 3.00 -20.80 -2.20
N ALA A 196 1.85 -20.09 -2.25
CA ALA A 196 0.58 -20.74 -2.12
C ALA A 196 0.20 -21.64 -3.33
N ALA A 197 0.49 -21.03 -4.51
CA ALA A 197 0.08 -21.70 -5.73
C ALA A 197 0.84 -22.96 -6.00
N ALA A 198 2.11 -22.99 -5.61
CA ALA A 198 2.92 -24.18 -5.89
C ALA A 198 2.38 -25.42 -5.21
N LYS A 199 1.67 -25.22 -4.10
CA LYS A 199 1.08 -26.33 -3.34
C LYS A 199 -0.15 -26.86 -3.95
N MET A 200 -0.76 -26.11 -4.87
CA MET A 200 -2.07 -26.43 -5.49
C MET A 200 -1.93 -26.82 -6.96
N ALA A 201 -1.18 -26.06 -7.69
CA ALA A 201 -1.07 -26.27 -9.14
C ALA A 201 -0.46 -27.56 -9.56
N GLU A 202 -0.87 -28.14 -10.66
N GLU A 202 -0.93 -28.17 -10.63
CA GLU A 202 -0.09 -29.30 -11.21
CA GLU A 202 -0.12 -29.24 -11.31
C GLU A 202 1.34 -28.86 -11.75
C GLU A 202 1.30 -28.77 -11.55
N GLN A 203 1.45 -27.63 -12.24
CA GLN A 203 2.69 -27.03 -12.63
C GLN A 203 2.58 -25.56 -12.51
N LEU A 204 3.61 -24.89 -11.95
CA LEU A 204 3.68 -23.48 -11.85
C LEU A 204 4.83 -22.96 -12.58
N THR A 205 4.68 -22.05 -13.53
CA THR A 205 5.74 -21.42 -14.21
C THR A 205 5.78 -19.95 -13.81
N VAL A 206 6.95 -19.52 -13.30
CA VAL A 206 7.20 -18.20 -12.88
C VAL A 206 7.99 -17.38 -13.92
N PHE A 207 7.37 -16.27 -14.43
CA PHE A 207 8.03 -15.45 -15.43
C PHE A 207 8.52 -14.24 -14.71
N GLN A 208 9.85 -14.29 -14.39
CA GLN A 208 10.48 -13.31 -13.47
C GLN A 208 11.34 -12.36 -14.33
N ARG A 209 11.06 -11.06 -14.31
CA ARG A 209 11.89 -10.12 -14.92
C ARG A 209 13.04 -9.68 -13.99
N THR A 210 12.75 -9.43 -12.72
CA THR A 210 13.76 -8.93 -11.75
C THR A 210 13.59 -9.64 -10.40
N PRO A 211 14.66 -10.44 -10.04
CA PRO A 211 14.57 -11.08 -8.73
C PRO A 211 14.68 -10.11 -7.59
N GLN A 212 13.94 -10.39 -6.54
CA GLN A 212 13.91 -9.54 -5.34
C GLN A 212 14.50 -10.30 -4.09
N TYR A 213 14.89 -9.47 -3.14
CA TYR A 213 15.32 -9.93 -1.83
C TYR A 213 14.09 -10.32 -1.02
N CYS A 214 14.15 -11.35 -0.22
CA CYS A 214 13.04 -11.79 0.61
C CYS A 214 13.64 -12.42 1.89
N VAL A 215 12.92 -12.23 2.99
CA VAL A 215 13.27 -12.83 4.28
C VAL A 215 12.12 -13.68 4.80
N PRO A 216 12.28 -14.56 5.78
CA PRO A 216 11.13 -15.29 6.35
C PRO A 216 10.12 -14.40 6.92
N SER A 217 8.82 -14.78 6.83
CA SER A 217 7.84 -14.06 7.54
C SER A 217 7.78 -14.46 9.04
N GLY A 218 8.08 -15.75 9.27
CA GLY A 218 7.85 -16.27 10.61
C GLY A 218 6.39 -16.53 10.96
N ASN A 219 5.53 -16.57 9.88
CA ASN A 219 4.12 -16.76 10.17
C ASN A 219 3.85 -18.12 10.85
N GLY A 220 2.75 -18.16 11.55
CA GLY A 220 2.28 -19.30 12.28
C GLY A 220 1.12 -18.97 13.17
N PRO A 221 0.57 -19.94 13.93
CA PRO A 221 -0.40 -19.66 14.91
C PRO A 221 0.10 -18.69 15.93
N MET A 222 -0.83 -17.98 16.57
CA MET A 222 -0.53 -17.26 17.80
C MET A 222 -0.82 -18.14 18.96
N ASP A 223 0.03 -17.93 20.02
CA ASP A 223 -0.33 -18.42 21.30
C ASP A 223 -1.51 -17.55 21.86
N PRO A 224 -2.66 -18.11 22.20
CA PRO A 224 -3.74 -17.24 22.73
C PRO A 224 -3.35 -16.51 24.00
N ASP A 225 -2.41 -17.05 24.82
CA ASP A 225 -1.98 -16.28 25.98
C ASP A 225 -1.17 -15.04 25.59
N GLU A 226 -0.47 -15.10 24.45
CA GLU A 226 0.31 -14.00 23.96
C GLU A 226 -0.64 -12.90 23.44
N VAL A 227 -1.71 -13.36 22.71
CA VAL A 227 -2.72 -12.36 22.25
C VAL A 227 -3.32 -11.66 23.47
N ALA A 228 -3.60 -12.41 24.57
CA ALA A 228 -4.16 -11.73 25.76
C ALA A 228 -3.15 -10.74 26.32
N ARG A 229 -1.86 -11.16 26.39
CA ARG A 229 -0.87 -10.19 26.85
C ARG A 229 -0.73 -8.99 26.02
N ILE A 230 -0.78 -9.17 24.68
CA ILE A 230 -0.72 -8.03 23.76
C ILE A 230 -1.88 -7.08 24.01
N LYS A 231 -3.11 -7.66 24.15
CA LYS A 231 -4.26 -6.82 24.43
C LYS A 231 -4.15 -6.02 25.69
N GLN A 232 -3.58 -6.65 26.73
CA GLN A 232 -3.37 -5.93 27.99
C GLN A 232 -2.36 -4.79 27.87
N ASN A 233 -1.49 -4.86 26.89
CA ASN A 233 -0.43 -3.86 26.66
C ASN A 233 -0.65 -2.96 25.48
N PHE A 234 -1.93 -2.94 24.94
CA PHE A 234 -2.15 -2.16 23.73
C PHE A 234 -1.85 -0.71 23.86
N ASP A 235 -2.10 -0.08 25.02
CA ASP A 235 -1.85 1.32 25.10
C ASP A 235 -0.38 1.62 24.75
N SER A 236 0.53 0.90 25.41
N SER A 236 0.55 0.91 25.39
CA SER A 236 1.99 1.07 25.13
CA SER A 236 1.99 1.14 25.10
C SER A 236 2.39 0.77 23.70
C SER A 236 2.40 0.77 23.69
N ILE A 237 1.79 -0.35 23.24
CA ILE A 237 2.06 -0.79 21.87
C ILE A 237 1.77 0.34 20.85
N TRP A 238 0.56 0.88 21.02
CA TRP A 238 0.17 1.93 20.05
C TRP A 238 0.90 3.23 20.21
N ASP A 239 1.32 3.55 21.47
CA ASP A 239 2.18 4.73 21.64
C ASP A 239 3.47 4.56 20.88
N GLN A 240 4.07 3.33 20.97
CA GLN A 240 5.36 3.08 20.29
C GLN A 240 5.14 3.16 18.79
N VAL A 241 4.00 2.59 18.27
CA VAL A 241 3.65 2.66 16.82
C VAL A 241 3.66 4.12 16.30
N ARG A 242 2.91 4.92 17.07
CA ARG A 242 2.63 6.27 16.58
C ARG A 242 3.85 7.17 16.58
N SER A 243 4.83 6.82 17.48
CA SER A 243 6.09 7.60 17.56
CA SER A 243 6.07 7.62 17.56
C SER A 243 7.21 7.09 16.72
N SER A 244 7.00 5.91 16.12
CA SER A 244 8.00 5.26 15.35
C SER A 244 8.16 5.75 13.91
N THR A 245 9.10 5.28 13.13
CA THR A 245 9.14 5.69 11.76
CA THR A 245 9.23 5.62 11.73
C THR A 245 8.26 4.80 10.87
N VAL A 246 8.33 3.47 10.90
CA VAL A 246 7.57 2.60 10.01
C VAL A 246 6.32 2.05 10.64
N ALA A 247 6.14 2.06 11.98
CA ALA A 247 4.87 1.74 12.56
C ALA A 247 4.44 0.31 12.45
N PHE A 248 5.37 -0.62 12.38
CA PHE A 248 5.15 -2.02 12.25
C PHE A 248 5.09 -2.77 13.61
N GLY A 249 5.16 -2.04 14.73
CA GLY A 249 5.00 -2.62 16.05
C GLY A 249 6.33 -3.17 16.70
N PHE A 250 7.44 -3.02 16.04
CA PHE A 250 8.71 -3.45 16.63
C PHE A 250 9.55 -2.17 16.85
N GLU A 251 10.48 -2.33 17.80
CA GLU A 251 11.38 -1.25 18.18
C GLU A 251 12.45 -1.14 17.04
N GLU A 252 12.61 0.02 16.54
CA GLU A 252 13.54 0.23 15.45
C GLU A 252 14.94 0.43 16.01
N SER A 253 15.88 -0.09 15.27
CA SER A 253 17.31 0.08 15.72
C SER A 253 17.75 1.47 15.68
N THR A 254 18.65 1.82 16.64
CA THR A 254 19.36 3.06 16.69
C THR A 254 20.88 2.88 16.44
N VAL A 255 21.28 1.68 16.04
CA VAL A 255 22.65 1.36 15.87
C VAL A 255 23.09 1.43 14.42
N GLU A 256 24.15 2.12 14.08
CA GLU A 256 24.71 2.04 12.73
C GLU A 256 25.35 0.80 12.38
N ALA A 257 25.05 0.19 11.23
CA ALA A 257 25.55 -1.14 10.93
C ALA A 257 27.06 -1.29 10.98
N MET A 258 27.77 -0.31 10.52
CA MET A 258 29.19 -0.45 10.39
C MET A 258 29.91 0.04 11.69
N SER A 259 29.15 0.37 12.72
CA SER A 259 29.74 0.67 14.05
C SER A 259 29.99 -0.51 14.93
N VAL A 260 29.58 -1.70 14.54
CA VAL A 260 29.77 -2.94 15.26
C VAL A 260 30.68 -3.86 14.49
N SER A 261 31.09 -5.01 15.09
CA SER A 261 31.91 -5.91 14.42
C SER A 261 31.19 -6.67 13.34
N GLU A 262 31.94 -7.32 12.46
CA GLU A 262 31.37 -8.19 11.45
C GLU A 262 30.61 -9.32 12.11
N SER A 263 31.11 -9.90 13.21
N SER A 263 31.09 -9.94 13.19
CA SER A 263 30.37 -10.96 13.88
CA SER A 263 30.33 -11.03 13.76
C SER A 263 29.06 -10.52 14.42
C SER A 263 29.02 -10.51 14.40
N GLU A 264 29.05 -9.29 14.94
CA GLU A 264 27.81 -8.74 15.57
C GLU A 264 26.77 -8.40 14.42
N ARG A 265 27.27 -7.87 13.28
CA ARG A 265 26.31 -7.71 12.07
C ARG A 265 25.70 -9.00 11.77
N GLN A 266 26.49 -10.07 11.59
CA GLN A 266 25.95 -11.38 11.28
C GLN A 266 24.93 -11.83 12.29
N ARG A 267 25.24 -11.67 13.57
CA ARG A 267 24.35 -12.08 14.58
C ARG A 267 23.00 -11.34 14.51
N VAL A 268 23.08 -10.05 14.36
CA VAL A 268 21.90 -9.17 14.29
C VAL A 268 21.01 -9.57 13.03
N PHE A 269 21.65 -9.73 11.92
CA PHE A 269 20.87 -10.16 10.72
C PHE A 269 20.30 -11.50 10.94
N GLN A 270 21.04 -12.46 11.49
CA GLN A 270 20.49 -13.76 11.73
C GLN A 270 19.35 -13.74 12.69
N GLN A 271 19.41 -12.98 13.80
CA GLN A 271 18.37 -12.88 14.77
C GLN A 271 17.06 -12.39 14.04
N ALA A 272 17.29 -11.31 13.23
CA ALA A 272 16.09 -10.78 12.50
C ALA A 272 15.56 -11.79 11.51
N TRP A 273 16.41 -12.49 10.79
CA TRP A 273 15.99 -13.55 9.86
C TRP A 273 15.15 -14.57 10.57
N ASP A 274 15.62 -15.04 11.74
CA ASP A 274 14.92 -16.00 12.57
C ASP A 274 13.54 -15.49 13.06
N LYS A 275 13.48 -14.23 13.46
CA LYS A 275 12.24 -13.71 13.97
CA LYS A 275 12.27 -13.65 13.97
C LYS A 275 11.22 -13.45 12.81
N GLY A 276 11.77 -13.13 11.62
CA GLY A 276 10.88 -12.85 10.45
C GLY A 276 10.51 -11.43 10.36
N ASN A 277 9.94 -11.09 9.16
CA ASN A 277 9.34 -9.83 8.72
C ASN A 277 10.30 -9.00 8.00
N GLY A 278 9.91 -8.53 6.80
CA GLY A 278 10.82 -7.72 6.00
C GLY A 278 11.09 -6.34 6.52
N PHE A 279 10.08 -5.68 7.11
CA PHE A 279 10.35 -4.42 7.70
C PHE A 279 11.26 -4.55 8.96
N ARG A 280 11.10 -5.63 9.67
CA ARG A 280 12.04 -5.92 10.80
CA ARG A 280 12.04 -5.85 10.77
C ARG A 280 13.46 -6.03 10.21
N PHE A 281 13.66 -6.76 9.14
CA PHE A 281 15.01 -6.88 8.59
C PHE A 281 15.59 -5.60 8.20
N MET A 282 14.79 -4.74 7.55
CA MET A 282 15.31 -3.52 7.06
C MET A 282 15.49 -2.40 8.15
N PHE A 283 14.66 -2.39 9.17
CA PHE A 283 14.66 -1.31 10.11
C PHE A 283 14.85 -1.74 11.59
N GLY A 284 14.70 -3.02 11.86
CA GLY A 284 14.88 -3.56 13.18
C GLY A 284 16.30 -4.07 13.49
N THR A 285 17.13 -4.08 12.50
CA THR A 285 18.52 -4.58 12.59
C THR A 285 19.45 -3.41 12.96
N PHE A 286 19.62 -2.51 12.02
CA PHE A 286 20.42 -1.34 12.13
C PHE A 286 19.68 -0.11 11.68
N CYS A 287 20.09 1.08 11.96
CA CYS A 287 19.36 2.30 11.70
C CYS A 287 19.57 2.85 10.31
N ASP A 288 20.49 2.28 9.56
CA ASP A 288 20.98 2.89 8.32
C ASP A 288 21.01 1.94 7.13
N ILE A 289 20.22 0.87 7.21
CA ILE A 289 20.22 -0.06 6.06
C ILE A 289 19.74 0.65 4.77
N ALA A 290 18.78 1.56 4.90
CA ALA A 290 18.17 2.16 3.72
C ALA A 290 18.79 3.52 3.39
N THR A 291 19.83 3.97 4.14
CA THR A 291 20.47 5.25 3.91
C THR A 291 21.95 5.18 3.64
N ASN A 292 22.63 4.14 4.09
CA ASN A 292 24.04 4.02 4.00
C ASN A 292 24.41 2.84 3.05
N PRO A 293 25.04 3.17 1.90
CA PRO A 293 25.36 2.09 0.95
C PRO A 293 26.13 0.95 1.51
N GLU A 294 27.04 1.25 2.48
CA GLU A 294 27.86 0.17 3.04
C GLU A 294 27.02 -0.76 3.89
N ALA A 295 26.09 -0.20 4.68
CA ALA A 295 25.15 -0.98 5.49
C ALA A 295 24.23 -1.79 4.56
N ASN A 296 23.74 -1.10 3.52
CA ASN A 296 22.83 -1.78 2.57
C ASN A 296 23.48 -3.03 1.94
N ALA A 297 24.79 -2.87 1.59
CA ALA A 297 25.50 -3.94 0.99
C ALA A 297 25.60 -5.19 1.94
N ALA A 298 25.78 -4.92 3.23
CA ALA A 298 25.83 -6.03 4.20
C ALA A 298 24.55 -6.75 4.27
N ALA A 299 23.48 -5.94 4.40
CA ALA A 299 22.14 -6.62 4.47
C ALA A 299 21.83 -7.48 3.18
N ALA A 300 22.14 -6.86 2.00
CA ALA A 300 21.89 -7.56 0.76
C ALA A 300 22.72 -8.84 0.65
N ALA A 301 24.03 -8.73 1.10
CA ALA A 301 24.86 -9.91 1.07
C ALA A 301 24.36 -11.08 1.92
N PHE A 302 23.83 -10.69 3.08
CA PHE A 302 23.29 -11.71 3.98
C PHE A 302 22.21 -12.51 3.30
N ILE A 303 21.26 -11.77 2.67
CA ILE A 303 20.13 -12.42 1.98
C ILE A 303 20.67 -13.26 0.81
N ARG A 304 21.60 -12.72 0.02
CA ARG A 304 22.12 -13.55 -1.09
C ARG A 304 22.70 -14.84 -0.62
N SER A 305 23.40 -14.79 0.56
N SER A 305 23.41 -14.76 0.53
N SER A 305 23.41 -14.78 0.53
CA SER A 305 24.00 -16.05 1.12
CA SER A 305 24.04 -15.95 1.15
CA SER A 305 24.03 -16.01 1.08
C SER A 305 22.97 -17.06 1.50
C SER A 305 23.04 -17.04 1.52
C SER A 305 22.99 -17.05 1.47
N LYS A 306 21.84 -16.58 1.97
CA LYS A 306 20.72 -17.51 2.26
C LYS A 306 20.16 -18.19 1.01
N ILE A 307 19.98 -17.38 -0.03
CA ILE A 307 19.54 -17.97 -1.32
C ILE A 307 20.42 -19.08 -1.76
N ALA A 308 21.75 -18.84 -1.69
CA ALA A 308 22.67 -19.82 -2.14
C ALA A 308 22.66 -21.13 -1.27
N GLU A 309 22.32 -20.96 0.01
CA GLU A 309 22.19 -22.11 0.93
C GLU A 309 20.93 -22.91 0.61
N ILE A 310 19.85 -22.17 0.39
CA ILE A 310 18.53 -22.80 0.27
C ILE A 310 18.30 -23.51 -1.09
N VAL A 311 18.66 -22.82 -2.18
CA VAL A 311 18.17 -23.27 -3.50
C VAL A 311 19.18 -24.34 -4.02
N LYS A 312 18.69 -25.55 -4.29
CA LYS A 312 19.55 -26.67 -4.59
C LYS A 312 20.22 -26.55 -5.95
N ASP A 313 19.44 -26.19 -6.96
CA ASP A 313 19.97 -26.12 -8.31
C ASP A 313 20.76 -24.83 -8.54
N PRO A 314 22.02 -24.92 -8.91
CA PRO A 314 22.78 -23.65 -8.96
C PRO A 314 22.34 -22.65 -10.00
N GLU A 315 21.76 -23.13 -11.14
CA GLU A 315 21.25 -22.14 -12.16
C GLU A 315 19.99 -21.45 -11.60
N THR A 316 19.16 -22.19 -10.90
CA THR A 316 17.96 -21.60 -10.32
C THR A 316 18.38 -20.60 -9.28
N ALA A 317 19.42 -20.99 -8.45
CA ALA A 317 19.88 -20.06 -7.39
C ALA A 317 20.39 -18.77 -8.02
N ARG A 318 21.15 -18.89 -9.12
CA ARG A 318 21.66 -17.71 -9.79
C ARG A 318 20.55 -16.80 -10.31
N LYS A 319 19.49 -17.42 -10.92
CA LYS A 319 18.41 -16.64 -11.46
C LYS A 319 17.63 -15.94 -10.37
N LEU A 320 17.60 -16.51 -9.16
CA LEU A 320 16.87 -15.94 -8.05
C LEU A 320 17.65 -14.88 -7.27
N THR A 321 18.95 -14.75 -7.58
CA THR A 321 19.80 -13.85 -6.71
C THR A 321 19.75 -12.42 -7.21
N PRO A 322 19.21 -11.53 -6.39
CA PRO A 322 19.20 -10.12 -6.86
C PRO A 322 20.56 -9.53 -6.90
N THR A 323 20.78 -8.48 -7.64
CA THR A 323 22.03 -7.80 -7.77
C THR A 323 21.95 -6.36 -7.50
N ASP A 324 20.81 -5.85 -7.17
CA ASP A 324 20.61 -4.43 -7.08
C ASP A 324 20.50 -4.00 -5.59
N LEU A 325 20.21 -2.79 -5.29
CA LEU A 325 20.15 -2.32 -3.90
C LEU A 325 19.03 -2.92 -3.16
N TYR A 326 19.19 -3.17 -1.87
CA TYR A 326 18.09 -3.62 -1.01
C TYR A 326 17.33 -2.41 -0.56
N ALA A 327 16.48 -1.90 -1.50
CA ALA A 327 15.81 -0.57 -1.31
C ALA A 327 14.42 -0.57 -2.00
N LYS A 328 13.91 -1.73 -2.34
N LYS A 328 13.91 -1.73 -2.34
CA LYS A 328 12.46 -1.87 -2.69
CA LYS A 328 12.48 -1.87 -2.70
C LYS A 328 11.68 -2.11 -1.44
C LYS A 328 11.68 -2.10 -1.44
N ARG A 329 10.37 -2.05 -1.47
CA ARG A 329 9.53 -2.35 -0.30
C ARG A 329 9.91 -3.75 0.09
N PRO A 330 10.29 -3.97 1.41
CA PRO A 330 10.85 -5.23 1.80
C PRO A 330 9.88 -6.39 1.82
N LEU A 331 10.29 -7.52 1.25
CA LEU A 331 9.44 -8.68 1.13
C LEU A 331 9.66 -9.64 2.29
N CYS A 332 8.68 -10.43 2.65
CA CYS A 332 8.86 -11.62 3.44
C CYS A 332 7.84 -12.68 3.07
N ASN A 333 8.05 -13.95 3.33
CA ASN A 333 7.22 -15.02 2.88
C ASN A 333 7.52 -16.27 3.67
N GLU A 334 6.69 -17.31 3.65
CA GLU A 334 6.99 -18.58 4.19
C GLU A 334 7.65 -19.45 3.17
N GLY A 335 8.96 -19.66 3.20
CA GLY A 335 9.58 -20.64 2.30
C GLY A 335 9.53 -20.24 0.83
N TYR A 336 9.80 -18.97 0.53
CA TYR A 336 9.78 -18.51 -0.88
C TYR A 336 10.86 -19.20 -1.65
N TYR A 337 12.15 -19.05 -1.25
CA TYR A 337 13.19 -19.64 -2.08
C TYR A 337 13.10 -21.17 -2.11
N GLU A 338 12.65 -21.79 -1.01
CA GLU A 338 12.45 -23.20 -0.95
C GLU A 338 11.45 -23.72 -1.98
N THR A 339 10.52 -22.84 -2.37
CA THR A 339 9.45 -23.30 -3.33
C THR A 339 10.09 -23.69 -4.61
N TYR A 340 11.25 -23.10 -5.02
CA TYR A 340 11.92 -23.43 -6.20
C TYR A 340 12.61 -24.78 -6.21
N ASN A 341 12.70 -25.43 -5.04
CA ASN A 341 13.16 -26.83 -4.92
C ASN A 341 12.12 -27.91 -5.24
N ARG A 342 10.88 -27.44 -5.43
CA ARG A 342 9.78 -28.37 -5.82
C ARG A 342 9.96 -28.79 -7.28
N ASP A 343 9.53 -29.99 -7.54
CA ASP A 343 9.54 -30.54 -8.92
C ASP A 343 8.52 -29.87 -9.85
N ASN A 344 7.54 -29.25 -9.29
CA ASN A 344 6.40 -28.68 -10.10
C ASN A 344 6.50 -27.21 -10.26
N VAL A 345 7.66 -26.60 -10.01
CA VAL A 345 7.85 -25.18 -10.18
C VAL A 345 8.97 -24.90 -11.13
N SER A 346 8.77 -24.08 -12.16
CA SER A 346 9.88 -23.67 -13.01
CA SER A 346 9.75 -23.69 -13.15
C SER A 346 9.98 -22.21 -13.09
N LEU A 347 11.21 -21.77 -13.14
CA LEU A 347 11.56 -20.36 -13.16
C LEU A 347 12.11 -19.93 -14.50
N VAL A 348 11.44 -18.97 -15.13
CA VAL A 348 11.89 -18.44 -16.44
C VAL A 348 12.35 -17.04 -16.15
N SER A 349 13.65 -16.82 -16.44
CA SER A 349 14.14 -15.48 -16.36
C SER A 349 13.88 -14.76 -17.67
N LEU A 350 13.09 -13.67 -17.58
CA LEU A 350 12.74 -12.82 -18.71
C LEU A 350 13.90 -12.01 -19.20
N LYS A 351 14.99 -11.89 -18.37
CA LYS A 351 16.20 -11.38 -18.90
C LYS A 351 16.89 -12.25 -19.89
N GLU A 352 16.80 -13.54 -19.69
CA GLU A 352 17.45 -14.50 -20.58
C GLU A 352 16.55 -14.78 -21.83
N THR A 353 15.27 -15.00 -21.51
CA THR A 353 14.26 -15.38 -22.53
C THR A 353 12.97 -14.57 -22.31
N PRO A 354 12.97 -13.33 -22.81
CA PRO A 354 11.78 -12.46 -22.64
C PRO A 354 10.52 -13.13 -23.32
N ILE A 355 9.38 -12.68 -22.87
CA ILE A 355 8.18 -13.05 -23.56
C ILE A 355 8.16 -12.40 -24.94
N GLU A 356 7.93 -13.24 -25.92
CA GLU A 356 7.74 -12.78 -27.33
C GLU A 356 6.25 -12.51 -27.60
N GLU A 357 5.42 -13.45 -27.22
CA GLU A 357 3.96 -13.28 -27.45
C GLU A 357 3.18 -14.18 -26.49
N ILE A 358 2.06 -13.69 -25.98
CA ILE A 358 1.06 -14.49 -25.41
C ILE A 358 0.22 -15.09 -26.59
N VAL A 359 -0.10 -16.37 -26.45
CA VAL A 359 -0.88 -17.12 -27.48
C VAL A 359 -2.03 -17.82 -26.88
N PRO A 360 -2.97 -18.33 -27.71
CA PRO A 360 -4.10 -18.94 -27.09
C PRO A 360 -3.82 -19.97 -25.96
N GLN A 361 -2.79 -20.78 -26.17
CA GLN A 361 -2.47 -21.91 -25.29
C GLN A 361 -1.53 -21.46 -24.15
N GLY A 362 -1.02 -20.24 -24.13
CA GLY A 362 0.02 -19.93 -23.11
C GLY A 362 0.90 -18.78 -23.49
N VAL A 363 2.19 -18.92 -23.13
CA VAL A 363 3.19 -17.87 -23.38
C VAL A 363 4.34 -18.39 -24.16
N ARG A 364 4.73 -17.68 -25.21
CA ARG A 364 5.88 -18.04 -25.99
C ARG A 364 7.01 -17.12 -25.61
N THR A 365 8.13 -17.69 -25.17
CA THR A 365 9.30 -16.90 -24.90
C THR A 365 10.23 -16.95 -26.07
N SER A 366 11.28 -16.13 -26.00
CA SER A 366 12.14 -15.78 -27.13
C SER A 366 12.99 -16.94 -27.59
N ASP A 367 13.02 -18.01 -26.82
CA ASP A 367 13.66 -19.23 -27.19
C ASP A 367 12.76 -20.14 -28.01
N GLY A 368 11.52 -19.65 -28.28
CA GLY A 368 10.50 -20.40 -29.05
C GLY A 368 9.69 -21.37 -28.21
N VAL A 369 9.97 -21.48 -26.91
CA VAL A 369 9.25 -22.43 -26.10
C VAL A 369 7.84 -21.89 -25.83
N VAL A 370 6.85 -22.73 -26.13
CA VAL A 370 5.49 -22.44 -25.70
C VAL A 370 5.17 -23.01 -24.38
N HIS A 371 5.02 -22.13 -23.39
CA HIS A 371 4.60 -22.59 -22.05
C HIS A 371 3.09 -22.73 -22.02
N GLU A 372 2.62 -23.94 -21.91
CA GLU A 372 1.19 -24.22 -22.00
C GLU A 372 0.51 -24.00 -20.70
N LEU A 373 -0.48 -23.12 -20.61
CA LEU A 373 -1.12 -22.72 -19.41
C LEU A 373 -2.61 -22.82 -19.46
N ASP A 374 -3.26 -23.17 -18.39
CA ASP A 374 -4.70 -23.02 -18.15
C ASP A 374 -5.05 -21.67 -17.61
N VAL A 375 -4.14 -21.13 -16.78
CA VAL A 375 -4.33 -19.88 -16.05
C VAL A 375 -3.13 -19.04 -16.17
N LEU A 376 -3.25 -17.77 -16.48
CA LEU A 376 -2.19 -16.83 -16.57
C LEU A 376 -2.48 -15.69 -15.65
N VAL A 377 -1.57 -15.51 -14.62
CA VAL A 377 -1.76 -14.55 -13.54
C VAL A 377 -0.86 -13.41 -13.73
N PHE A 378 -1.39 -12.21 -13.80
CA PHE A 378 -0.65 -10.99 -13.80
C PHE A 378 -0.51 -10.46 -12.40
N ALA A 379 0.74 -10.67 -11.84
CA ALA A 379 1.10 -10.07 -10.52
C ALA A 379 1.99 -8.89 -10.85
N THR A 380 1.50 -7.96 -11.69
CA THR A 380 2.21 -6.90 -12.25
C THR A 380 2.02 -5.54 -11.61
N GLY A 381 1.41 -5.58 -10.41
CA GLY A 381 1.45 -4.35 -9.60
C GLY A 381 0.42 -3.33 -9.99
N PHE A 382 0.67 -2.07 -9.66
CA PHE A 382 -0.28 -1.00 -9.63
C PHE A 382 0.19 0.27 -10.18
N ASP A 383 -0.76 1.06 -10.76
CA ASP A 383 -0.51 2.45 -11.04
C ASP A 383 -0.67 3.24 -9.78
N ALA A 384 0.44 3.18 -8.95
CA ALA A 384 0.39 3.46 -7.55
C ALA A 384 0.29 4.97 -7.27
N VAL A 385 -0.38 5.25 -6.13
CA VAL A 385 -0.49 6.55 -5.49
C VAL A 385 -1.51 7.42 -6.26
N ASP A 386 -1.09 7.83 -7.44
CA ASP A 386 -1.90 8.79 -8.18
C ASP A 386 -2.78 8.13 -9.25
N GLY A 387 -2.80 6.85 -9.38
CA GLY A 387 -3.47 6.26 -10.55
C GLY A 387 -4.95 6.55 -10.56
N ASN A 388 -5.69 6.37 -9.49
CA ASN A 388 -7.14 6.58 -9.47
C ASN A 388 -7.51 8.02 -9.52
N TYR A 389 -6.64 8.94 -9.16
CA TYR A 389 -6.87 10.38 -9.28
C TYR A 389 -6.76 10.75 -10.78
N ARG A 390 -5.70 10.37 -11.45
CA ARG A 390 -5.52 10.82 -12.83
C ARG A 390 -6.60 10.26 -13.77
N ALA A 391 -7.10 9.08 -13.42
CA ALA A 391 -8.16 8.41 -14.23
C ALA A 391 -9.51 9.02 -14.02
N MET A 392 -9.72 9.82 -13.02
CA MET A 392 -11.00 10.47 -12.72
C MET A 392 -10.99 11.79 -13.50
N ASN A 393 -12.23 12.24 -13.88
CA ASN A 393 -12.32 13.64 -14.35
C ASN A 393 -12.54 14.60 -13.16
N LEU A 394 -11.35 14.86 -12.53
CA LEU A 394 -11.23 15.56 -11.27
C LEU A 394 -10.72 16.93 -11.51
N ARG A 395 -11.59 17.94 -11.31
CA ARG A 395 -11.31 19.32 -11.70
C ARG A 395 -11.63 20.29 -10.56
N GLY A 396 -10.69 21.24 -10.45
CA GLY A 396 -10.73 22.26 -9.40
C GLY A 396 -10.99 23.62 -9.84
N ARG A 397 -10.34 24.59 -9.23
CA ARG A 397 -10.51 25.98 -9.65
C ARG A 397 -10.08 26.15 -11.09
N ASP A 398 -10.76 27.08 -11.77
CA ASP A 398 -10.58 27.44 -13.17
C ASP A 398 -10.91 26.26 -14.10
N GLY A 399 -11.57 25.26 -13.53
CA GLY A 399 -11.93 24.08 -14.33
C GLY A 399 -10.79 23.24 -14.78
N ARG A 400 -9.63 23.41 -14.06
CA ARG A 400 -8.43 22.64 -14.46
C ARG A 400 -8.45 21.20 -13.93
N HIS A 401 -8.17 20.27 -14.82
CA HIS A 401 -8.00 18.87 -14.41
C HIS A 401 -6.74 18.72 -13.50
N ILE A 402 -6.82 17.74 -12.63
CA ILE A 402 -5.65 17.46 -11.72
C ILE A 402 -4.43 17.18 -12.48
N ASN A 403 -4.52 16.57 -13.66
CA ASN A 403 -3.32 16.35 -14.44
C ASN A 403 -2.54 17.63 -14.74
N GLU A 404 -3.26 18.75 -14.90
CA GLU A 404 -2.53 19.98 -15.20
C GLU A 404 -1.62 20.45 -14.06
N HIS A 405 -1.95 20.01 -12.85
CA HIS A 405 -1.19 20.34 -11.63
C HIS A 405 -0.02 19.37 -11.45
N TRP A 406 0.02 18.27 -12.13
CA TRP A 406 0.85 17.12 -11.78
C TRP A 406 1.82 16.77 -12.92
N THR A 407 2.22 17.78 -13.74
CA THR A 407 3.05 17.48 -14.84
C THR A 407 4.50 17.07 -14.48
N GLU A 408 4.95 17.39 -13.29
CA GLU A 408 6.28 16.96 -12.85
C GLU A 408 6.12 15.96 -11.68
N GLY A 409 5.02 15.22 -11.70
CA GLY A 409 4.71 14.24 -10.64
C GLY A 409 3.56 14.72 -9.77
N PRO A 410 2.94 13.83 -9.01
CA PRO A 410 1.81 14.15 -8.21
C PRO A 410 2.22 14.95 -6.98
N THR A 411 1.38 15.82 -6.47
CA THR A 411 1.65 16.76 -5.44
C THR A 411 0.49 16.87 -4.51
N SER A 412 0.76 17.40 -3.28
CA SER A 412 -0.19 17.65 -2.27
C SER A 412 0.42 18.64 -1.23
N TYR A 413 -0.42 19.11 -0.35
CA TYR A 413 0.07 19.71 0.87
C TYR A 413 -0.27 18.69 1.98
N LEU A 414 0.82 18.15 2.63
CA LEU A 414 0.73 17.28 3.80
C LEU A 414 0.17 15.90 3.48
N GLY A 415 0.10 15.51 2.16
CA GLY A 415 -0.47 14.22 1.84
C GLY A 415 -2.04 14.21 1.71
N VAL A 416 -2.65 15.27 2.19
CA VAL A 416 -4.06 15.24 2.47
C VAL A 416 -4.86 16.37 1.75
N THR A 417 -4.22 17.37 1.22
CA THR A 417 -4.97 18.44 0.58
C THR A 417 -4.20 18.83 -0.68
N LYS A 418 -4.83 19.72 -1.50
CA LYS A 418 -4.28 20.07 -2.82
C LYS A 418 -4.64 21.51 -3.19
N ALA A 419 -3.64 22.26 -3.52
CA ALA A 419 -3.89 23.64 -3.89
C ALA A 419 -4.72 23.63 -5.24
N GLY A 420 -5.70 24.55 -5.28
CA GLY A 420 -6.61 24.57 -6.38
C GLY A 420 -7.82 23.72 -6.23
N PHE A 421 -7.89 22.91 -5.19
CA PHE A 421 -8.93 21.96 -4.95
C PHE A 421 -9.54 22.17 -3.59
N PRO A 422 -10.22 23.29 -3.36
CA PRO A 422 -10.77 23.57 -2.09
C PRO A 422 -11.69 22.52 -1.58
N ASN A 423 -11.73 22.27 -0.25
CA ASN A 423 -12.66 21.38 0.39
C ASN A 423 -12.55 19.90 -0.06
N MET A 424 -11.42 19.56 -0.67
CA MET A 424 -11.07 18.22 -1.05
C MET A 424 -9.93 17.71 -0.09
N PHE A 425 -10.19 16.56 0.44
CA PHE A 425 -9.21 15.91 1.37
C PHE A 425 -8.93 14.59 0.81
N MET A 426 -7.64 14.19 0.91
CA MET A 426 -7.20 12.91 0.41
C MET A 426 -6.76 12.01 1.55
N ILE A 427 -7.14 10.75 1.55
CA ILE A 427 -6.60 9.70 2.47
CA ILE A 427 -6.56 9.77 2.44
C ILE A 427 -5.56 8.96 1.68
N LEU A 428 -4.31 9.05 2.13
CA LEU A 428 -3.23 8.41 1.47
C LEU A 428 -3.04 8.95 0.02
N GLY A 429 -3.20 10.30 -0.06
CA GLY A 429 -2.83 10.92 -1.30
C GLY A 429 -1.36 11.02 -1.60
N PRO A 430 -0.92 11.64 -2.63
CA PRO A 430 0.50 11.79 -2.92
C PRO A 430 1.25 12.50 -1.78
N ASN A 431 2.52 12.14 -1.65
CA ASN A 431 3.45 12.78 -0.72
C ASN A 431 2.94 12.75 0.72
N GLY A 432 2.53 11.55 1.08
CA GLY A 432 2.28 11.25 2.50
C GLY A 432 3.14 10.06 3.00
N PRO A 433 2.77 9.57 4.18
CA PRO A 433 3.70 8.62 4.87
C PRO A 433 3.76 7.28 4.22
N PHE A 434 4.94 6.59 4.40
CA PHE A 434 5.18 5.30 3.93
C PHE A 434 5.41 4.38 5.17
N THR A 435 4.40 3.77 5.74
CA THR A 435 4.39 3.13 7.01
C THR A 435 3.42 1.96 6.95
N ASN A 436 3.30 1.17 7.98
CA ASN A 436 2.14 0.38 8.27
C ASN A 436 0.97 1.39 8.12
N LEU A 437 0.03 1.05 7.20
CA LEU A 437 -0.93 2.14 6.76
C LEU A 437 -2.09 2.41 7.70
N PRO A 438 -2.70 1.48 8.36
CA PRO A 438 -3.78 1.82 9.25
C PRO A 438 -3.55 3.00 10.17
N PRO A 439 -2.36 3.06 10.88
CA PRO A 439 -2.20 4.19 11.80
C PRO A 439 -1.93 5.53 11.08
N SER A 440 -1.32 5.44 9.89
CA SER A 440 -1.26 6.63 9.04
C SER A 440 -2.63 7.15 8.58
N ILE A 441 -3.46 6.19 8.18
CA ILE A 441 -4.87 6.51 7.82
C ILE A 441 -5.55 7.15 9.00
N GLU A 442 -5.34 6.62 10.23
CA GLU A 442 -5.99 7.23 11.37
C GLU A 442 -5.54 8.65 11.59
N ALA A 443 -4.22 8.88 11.49
CA ALA A 443 -3.74 10.21 11.68
C ALA A 443 -4.39 11.18 10.70
N GLN A 444 -4.45 10.76 9.45
CA GLN A 444 -5.04 11.63 8.40
C GLN A 444 -6.59 11.85 8.64
N VAL A 445 -7.28 10.77 8.84
CA VAL A 445 -8.72 10.87 9.02
C VAL A 445 -9.09 11.80 10.16
N GLU A 446 -8.33 11.62 11.29
CA GLU A 446 -8.63 12.44 12.43
C GLU A 446 -8.28 13.93 12.21
N TRP A 447 -7.20 14.20 11.52
CA TRP A 447 -6.80 15.55 11.22
C TRP A 447 -7.87 16.19 10.27
N ILE A 448 -8.27 15.45 9.27
CA ILE A 448 -9.29 15.93 8.29
C ILE A 448 -10.55 16.18 9.00
N SER A 449 -11.00 15.32 9.89
CA SER A 449 -12.19 15.45 10.67
C SER A 449 -12.16 16.78 11.47
N ASP A 450 -11.04 17.00 12.18
CA ASP A 450 -10.92 18.24 12.97
C ASP A 450 -11.05 19.51 12.08
N LEU A 451 -10.43 19.47 10.91
CA LEU A 451 -10.46 20.64 10.07
C LEU A 451 -11.88 20.86 9.45
N ILE A 452 -12.53 19.78 9.05
CA ILE A 452 -13.92 19.91 8.60
C ILE A 452 -14.79 20.41 9.75
N ASP A 453 -14.58 19.94 10.97
CA ASP A 453 -15.38 20.42 12.06
C ASP A 453 -15.19 21.89 12.35
N LYS A 454 -13.93 22.33 12.25
CA LYS A 454 -13.61 23.73 12.38
C LYS A 454 -14.39 24.57 11.32
N ALA A 455 -14.38 24.09 10.05
CA ALA A 455 -15.11 24.78 9.03
C ALA A 455 -16.57 24.83 9.41
N THR A 456 -17.19 23.75 9.87
CA THR A 456 -18.56 23.74 10.29
C THR A 456 -18.85 24.75 11.43
N ARG A 457 -18.00 24.68 12.49
CA ARG A 457 -18.28 25.51 13.70
CA ARG A 457 -18.22 25.54 13.67
C ARG A 457 -18.12 27.04 13.33
N GLU A 458 -17.18 27.33 12.41
CA GLU A 458 -16.84 28.72 12.17
C GLU A 458 -17.61 29.28 10.97
N GLY A 459 -18.35 28.41 10.26
CA GLY A 459 -19.02 28.86 9.05
C GLY A 459 -18.11 29.17 7.87
N LEU A 460 -17.03 28.39 7.73
CA LEU A 460 -16.18 28.57 6.60
C LEU A 460 -16.83 27.95 5.36
N THR A 461 -16.62 28.60 4.25
CA THR A 461 -17.13 28.05 3.00
C THR A 461 -16.06 27.32 2.21
N THR A 462 -14.77 27.74 2.35
CA THR A 462 -13.69 27.00 1.70
C THR A 462 -12.44 26.94 2.62
N VAL A 463 -11.79 25.82 2.43
CA VAL A 463 -10.51 25.56 3.04
C VAL A 463 -9.60 25.10 1.97
N GLU A 464 -8.41 25.65 1.77
CA GLU A 464 -7.56 25.35 0.61
CA GLU A 464 -7.53 25.20 0.66
C GLU A 464 -6.08 25.63 0.96
N PRO A 465 -5.18 24.77 0.59
CA PRO A 465 -3.74 25.18 0.72
C PRO A 465 -3.28 26.14 -0.30
N THR A 466 -2.30 26.94 0.01
CA THR A 466 -1.70 27.73 -0.99
C THR A 466 -0.77 27.00 -1.92
N ALA A 467 -0.55 27.54 -3.14
CA ALA A 467 0.38 26.98 -4.06
C ALA A 467 1.82 26.94 -3.40
N ASP A 468 2.16 28.01 -2.69
CA ASP A 468 3.49 28.06 -2.06
C ASP A 468 3.62 26.94 -1.03
N ALA A 469 2.59 26.74 -0.21
CA ALA A 469 2.63 25.68 0.80
C ALA A 469 2.86 24.34 0.18
N GLU A 470 2.05 24.04 -0.86
CA GLU A 470 2.18 22.79 -1.57
C GLU A 470 3.59 22.64 -2.18
N ARG A 471 4.14 23.64 -2.85
CA ARG A 471 5.47 23.55 -3.44
C ARG A 471 6.53 23.25 -2.30
N GLU A 472 6.38 23.98 -1.20
CA GLU A 472 7.33 23.70 -0.08
C GLU A 472 7.26 22.26 0.34
N TRP A 473 6.03 21.69 0.44
CA TRP A 473 5.86 20.30 0.81
C TRP A 473 6.54 19.40 -0.18
N THR A 474 6.39 19.64 -1.50
CA THR A 474 7.08 18.82 -2.46
C THR A 474 8.59 18.83 -2.18
N GLU A 475 9.13 20.04 -1.96
CA GLU A 475 10.60 20.21 -1.76
C GLU A 475 11.02 19.40 -0.47
N THR A 476 10.21 19.53 0.58
CA THR A 476 10.48 18.73 1.79
C THR A 476 10.59 17.26 1.47
N CYS A 477 9.56 16.74 0.77
CA CYS A 477 9.57 15.37 0.43
C CYS A 477 10.72 14.97 -0.44
N ALA A 478 11.09 15.77 -1.41
CA ALA A 478 12.17 15.45 -2.27
C ALA A 478 13.52 15.38 -1.49
N GLU A 479 13.71 16.36 -0.60
CA GLU A 479 14.95 16.44 0.14
C GLU A 479 15.06 15.22 1.06
N ILE A 480 13.99 14.79 1.72
CA ILE A 480 14.08 13.63 2.55
C ILE A 480 14.36 12.43 1.71
N ALA A 481 13.65 12.22 0.60
CA ALA A 481 13.83 11.07 -0.22
C ALA A 481 15.31 10.93 -0.67
N ASN A 482 15.89 12.08 -1.03
CA ASN A 482 17.22 12.10 -1.54
C ASN A 482 18.31 11.74 -0.49
N MET A 483 17.89 11.69 0.79
N MET A 483 17.90 11.65 0.77
CA MET A 483 18.75 11.26 1.92
CA MET A 483 18.78 11.24 1.87
C MET A 483 18.65 9.74 2.08
C MET A 483 18.65 9.74 2.07
N THR A 484 17.94 8.99 1.20
CA THR A 484 17.79 7.60 1.30
C THR A 484 18.16 6.93 0.01
N LEU A 485 18.21 5.63 0.04
CA LEU A 485 18.49 4.85 -1.17
C LEU A 485 17.19 4.49 -1.97
N PHE A 486 16.03 4.80 -1.42
CA PHE A 486 14.81 4.41 -2.11
C PHE A 486 14.71 4.99 -3.59
N PRO A 487 15.13 6.18 -3.85
CA PRO A 487 15.09 6.61 -5.27
C PRO A 487 15.89 5.85 -6.20
N LYS A 488 16.88 5.08 -5.68
CA LYS A 488 17.79 4.32 -6.46
C LYS A 488 17.49 2.83 -6.62
N ALA A 489 16.25 2.51 -6.47
CA ALA A 489 15.69 1.20 -6.72
C ALA A 489 14.56 1.47 -7.76
N ASP A 490 14.52 0.60 -8.69
CA ASP A 490 13.58 0.61 -9.80
C ASP A 490 12.27 -0.08 -9.39
N SER A 491 11.30 0.71 -8.95
N SER A 491 11.39 0.51 -8.58
CA SER A 491 10.03 0.11 -8.58
CA SER A 491 10.13 -0.24 -8.27
C SER A 491 8.92 1.19 -8.49
C SER A 491 9.02 0.75 -8.66
N TRP A 492 7.83 0.71 -8.02
CA TRP A 492 6.69 1.53 -8.15
C TRP A 492 6.64 2.81 -7.29
N ILE A 493 7.53 2.82 -6.30
CA ILE A 493 7.45 3.87 -5.28
C ILE A 493 7.69 5.28 -5.82
N PHE A 494 8.47 5.32 -6.91
CA PHE A 494 8.75 6.57 -7.55
C PHE A 494 8.15 6.66 -8.97
N GLY A 495 7.23 5.72 -9.26
CA GLY A 495 6.55 5.81 -10.57
C GLY A 495 7.19 5.09 -11.69
N ALA A 496 8.28 4.41 -11.49
CA ALA A 496 9.05 3.91 -12.58
C ALA A 496 8.57 2.64 -13.19
N ASN A 497 7.60 2.04 -12.51
CA ASN A 497 7.08 0.78 -12.98
C ASN A 497 6.14 0.77 -14.17
N ILE A 498 5.59 1.91 -14.47
CA ILE A 498 4.59 2.07 -15.52
C ILE A 498 5.30 2.78 -16.73
N PRO A 499 5.31 2.21 -17.95
CA PRO A 499 5.95 2.93 -19.02
C PRO A 499 5.28 4.26 -19.26
N GLY A 500 6.09 5.30 -19.39
CA GLY A 500 5.54 6.68 -19.55
C GLY A 500 5.24 7.41 -18.30
N LYS A 501 5.14 6.70 -17.18
CA LYS A 501 4.82 7.45 -15.93
C LYS A 501 6.04 8.24 -15.47
N ARG A 502 5.75 9.42 -14.97
CA ARG A 502 6.83 10.33 -14.49
C ARG A 502 7.57 9.71 -13.29
N HIS A 503 8.90 9.76 -13.34
CA HIS A 503 9.69 9.34 -12.15
C HIS A 503 9.75 10.50 -11.17
N ALA A 504 9.14 10.35 -9.98
CA ALA A 504 9.00 11.46 -9.10
C ALA A 504 8.87 10.92 -7.68
N VAL A 505 9.20 11.77 -6.71
CA VAL A 505 8.77 11.49 -5.31
C VAL A 505 7.26 11.45 -5.20
N MET A 506 6.78 10.44 -4.49
CA MET A 506 5.36 10.26 -4.28
C MET A 506 4.98 10.00 -2.88
N PHE A 507 6.03 9.98 -1.97
CA PHE A 507 5.81 9.80 -0.50
C PHE A 507 6.69 10.79 0.33
N TYR A 508 6.17 11.11 1.46
CA TYR A 508 6.98 11.70 2.57
C TYR A 508 7.62 10.52 3.34
N LEU A 509 8.96 10.48 3.29
CA LEU A 509 9.74 9.33 3.81
C LEU A 509 10.23 9.55 5.27
N GLY A 510 9.71 10.58 5.92
CA GLY A 510 10.15 10.89 7.29
C GLY A 510 9.60 10.06 8.39
N GLY A 511 8.64 9.23 8.18
CA GLY A 511 8.07 8.37 9.15
C GLY A 511 6.85 8.83 9.85
N LEU A 512 6.16 7.97 10.56
CA LEU A 512 4.87 8.28 11.14
C LEU A 512 5.01 9.34 12.24
N GLY A 513 6.02 9.11 13.15
CA GLY A 513 6.12 10.09 14.28
C GLY A 513 6.33 11.50 13.81
N ASN A 514 7.21 11.65 12.82
CA ASN A 514 7.58 12.89 12.17
CA ASN A 514 7.38 13.07 12.45
C ASN A 514 6.28 13.51 11.46
N TYR A 515 5.61 12.61 10.75
CA TYR A 515 4.41 13.01 9.94
C TYR A 515 3.34 13.52 10.92
N ARG A 516 3.06 12.81 12.05
CA ARG A 516 2.10 13.22 12.97
C ARG A 516 2.43 14.62 13.54
N ARG A 517 3.74 14.84 13.81
CA ARG A 517 4.17 16.19 14.27
C ARG A 517 3.90 17.24 13.20
N GLN A 518 4.16 16.90 11.95
N GLN A 518 4.17 16.90 11.92
CA GLN A 518 3.87 17.88 10.91
CA GLN A 518 3.90 17.89 10.84
C GLN A 518 2.44 18.31 10.87
C GLN A 518 2.44 18.31 10.85
N LEU A 519 1.56 17.32 10.95
CA LEU A 519 0.14 17.64 10.98
C LEU A 519 -0.29 18.44 12.15
N ALA A 520 0.25 18.02 13.35
CA ALA A 520 -0.13 18.71 14.59
C ALA A 520 0.41 20.17 14.59
N ASP A 521 1.64 20.32 14.09
CA ASP A 521 2.21 21.66 14.11
C ASP A 521 1.39 22.62 13.20
N VAL A 522 1.03 22.10 12.00
CA VAL A 522 0.18 22.97 11.09
C VAL A 522 -1.11 23.29 11.77
N ALA A 523 -1.81 22.38 12.37
CA ALA A 523 -3.07 22.69 12.95
C ALA A 523 -2.94 23.67 14.09
N ASP A 524 -1.93 23.44 14.95
CA ASP A 524 -1.74 24.24 16.14
CA ASP A 524 -1.76 24.32 16.17
C ASP A 524 -1.33 25.71 15.78
N GLY A 525 -0.60 25.87 14.65
CA GLY A 525 -0.18 27.11 14.10
C GLY A 525 -1.22 27.83 13.26
N GLY A 526 -2.50 27.56 13.53
CA GLY A 526 -3.65 28.24 12.80
C GLY A 526 -3.75 27.77 11.36
N TYR A 527 -3.44 26.53 11.13
CA TYR A 527 -3.46 25.94 9.81
C TYR A 527 -2.61 26.66 8.87
N ARG A 528 -1.33 26.71 9.29
CA ARG A 528 -0.30 27.27 8.48
C ARG A 528 -0.32 26.68 7.04
N GLY A 529 -0.33 27.60 6.08
CA GLY A 529 -0.40 27.15 4.69
C GLY A 529 -1.80 27.12 4.05
N PHE A 530 -2.80 27.29 4.87
CA PHE A 530 -4.23 27.26 4.41
C PHE A 530 -4.82 28.64 4.39
N GLN A 531 -5.64 28.86 3.27
CA GLN A 531 -6.64 29.93 3.15
C GLN A 531 -7.91 29.42 3.67
N LEU A 532 -8.43 30.10 4.62
CA LEU A 532 -9.67 29.72 5.36
C LEU A 532 -10.62 30.85 5.11
N ARG A 533 -11.67 30.64 4.31
CA ARG A 533 -12.59 31.74 3.90
C ARG A 533 -14.05 31.45 4.26
N GLY A 534 -14.77 32.55 4.59
CA GLY A 534 -16.22 32.44 5.30
C GLY A 534 -17.20 33.49 5.22
#